data_1HX4
#
_entry.id   1HX4
#
_cell.length_a   1.000
_cell.length_b   1.000
_cell.length_c   1.000
_cell.angle_alpha   90.00
_cell.angle_beta   90.00
_cell.angle_gamma   90.00
#
_symmetry.space_group_name_H-M   'P 1'
#
loop_
_entity.id
_entity.type
_entity.pdbx_description
1 polymer "5'-D(*CP*CP*AP*TP*CP*GP*CP*TP*AP*CP*C)-3'"
2 polymer "5'-D(*GP*GP*TP*AP*GP*CP*GP*AP*TP*GP*G)-3'"
3 non-polymer (1R)-1,2,3,4-TETRAHYDRO-BENZO[C]PHENANTHRENE-2,3,4-TRIOL
#
loop_
_entity_poly.entity_id
_entity_poly.type
_entity_poly.pdbx_seq_one_letter_code
_entity_poly.pdbx_strand_id
1 'polydeoxyribonucleotide' (DC)(DC)(DA)(DT)(DC)(DG)(DC)(DT)(DA)(DC)(DC) A
2 'polydeoxyribonucleotide' (DG)(DG)(DT)(DA)(DG)(DC)(DG)(DA)(DT)(DG)(DG) B
#